data_8X0T
#
_entry.id   8X0T
#
_cell.length_a   70.701
_cell.length_b   76.149
_cell.length_c   220.245
_cell.angle_alpha   90.00
_cell.angle_beta   90.00
_cell.angle_gamma   90.00
#
_symmetry.space_group_name_H-M   'C 2 2 21'
#
loop_
_entity.id
_entity.type
_entity.pdbx_description
1 polymer Frizzled-8
2 polymer 'pF8_AC3 Heavy chain'
3 polymer 'pF8_AC3 Light chain'
4 water water
#
loop_
_entity_poly.entity_id
_entity_poly.type
_entity_poly.pdbx_seq_one_letter_code
_entity_poly.pdbx_strand_id
1 'polypeptide(L)'
;AKELACQEITVPLCKGIGYQYTYMPNQFNHDTQDEAGLEVHQFWPLVEIQCSPDLKFFLCSMYTPICLEDYKKPLPPCRS
VCERAKAGCAPLMRQYGFAWPDRMRCDRLPEQGNPDTLCMDYNRHHHHHH
;
A
2 'polypeptide(L)'
;EVQLVESGGGLVQPGGSLRLSCAASGFTFSSFNMFWVRQAPGKGLEWVAGIDDDGSYPNYGSAVKGRATISRDNSKNTLY
LQMNSLRAEDTAVYYCAKSGPRPPHTTYWHKSIDAWGQGTLVTVSSASTKGPSVFPLAPSSKSTSGGTAALGCLVKDYFP
EPVTVSWNSGALTSGVHTFPAVLQSSGLYSLSSVVTVPSSSLGTQTYICNVNHKPSNTKVDKKVEPKSCHHHHHHHH
;
H
3 'polypeptide(L)'
;ELTQPPSVSVSPGQTARITCSGDGSWCPFCFYGWYQQKPGQAPVTLIYLNNKRPSGIPERFSGSLSGSTNTLTISGVQAE
DEADYYCGSSDFRRWAFGGGTKLTVLGQPKAAPSVTLFPPSSEELQANKATLVCLISDFYPGAVTVAWKADSSPVKAGVE
TTTPSKQSNNKYAASSYLSLTPEQWKSHRSYSCQVTHEGSTVEKTVAPTECS
;
L
#
# COMPACT_ATOMS: atom_id res chain seq x y z
N ALA A 5 -26.82 -31.33 -21.92
CA ALA A 5 -26.10 -31.17 -20.65
C ALA A 5 -24.61 -30.92 -20.89
N CYS A 6 -24.29 -30.36 -22.05
CA CYS A 6 -22.91 -30.12 -22.47
C CYS A 6 -22.71 -28.62 -22.67
N GLN A 7 -22.15 -27.96 -21.67
CA GLN A 7 -21.83 -26.53 -21.76
C GLN A 7 -20.41 -26.35 -22.27
N GLU A 8 -20.20 -25.32 -23.08
CA GLU A 8 -18.88 -25.05 -23.62
C GLU A 8 -17.90 -24.68 -22.52
N ILE A 9 -16.66 -25.13 -22.66
CA ILE A 9 -15.64 -24.90 -21.64
C ILE A 9 -15.24 -23.43 -21.64
N THR A 10 -15.28 -22.82 -20.45
CA THR A 10 -14.92 -21.41 -20.29
C THR A 10 -13.68 -21.20 -19.43
N VAL A 11 -13.19 -22.24 -18.76
CA VAL A 11 -12.02 -22.11 -17.88
C VAL A 11 -10.80 -21.82 -18.75
N PRO A 12 -10.11 -20.70 -18.52
CA PRO A 12 -9.01 -20.31 -19.43
C PRO A 12 -7.93 -21.37 -19.59
N LEU A 13 -7.48 -21.99 -18.50
CA LEU A 13 -6.41 -22.97 -18.59
C LEU A 13 -6.83 -24.23 -19.34
N CYS A 14 -8.14 -24.47 -19.46
CA CYS A 14 -8.63 -25.66 -20.15
C CYS A 14 -9.02 -25.38 -21.59
N LYS A 15 -8.30 -24.50 -22.27
CA LYS A 15 -8.49 -24.29 -23.71
C LYS A 15 -7.37 -24.97 -24.47
N GLY A 16 -7.74 -25.61 -25.57
CA GLY A 16 -6.79 -26.36 -26.38
C GLY A 16 -6.37 -27.68 -25.76
N ILE A 17 -7.30 -28.38 -25.12
CA ILE A 17 -6.98 -29.63 -24.43
C ILE A 17 -7.40 -30.86 -25.23
N GLY A 18 -8.02 -30.69 -26.38
CA GLY A 18 -8.52 -31.79 -27.18
C GLY A 18 -10.02 -31.88 -27.25
N TYR A 19 -10.74 -31.17 -26.39
CA TYR A 19 -12.19 -31.16 -26.40
C TYR A 19 -12.68 -29.84 -25.85
N GLN A 20 -13.88 -29.43 -26.26
CA GLN A 20 -14.36 -28.08 -25.99
C GLN A 20 -15.67 -28.06 -25.21
N TYR A 21 -16.11 -29.18 -24.65
CA TYR A 21 -17.39 -29.23 -23.94
C TYR A 21 -17.24 -29.98 -22.63
N THR A 22 -18.00 -29.53 -21.63
CA THR A 22 -17.93 -30.06 -20.28
C THR A 22 -19.32 -30.07 -19.67
N TYR A 23 -19.46 -30.80 -18.56
CA TYR A 23 -20.72 -30.86 -17.84
C TYR A 23 -20.48 -30.52 -16.37
N MET A 24 -21.55 -30.09 -15.71
CA MET A 24 -21.52 -29.77 -14.30
C MET A 24 -22.78 -30.32 -13.64
N PRO A 25 -22.70 -30.75 -12.38
CA PRO A 25 -21.53 -30.76 -11.49
C PRO A 25 -20.49 -31.79 -11.89
N ASN A 26 -19.23 -31.55 -11.54
CA ASN A 26 -18.15 -32.48 -11.85
C ASN A 26 -18.05 -33.51 -10.72
N GLN A 27 -16.94 -34.25 -10.66
CA GLN A 27 -16.78 -35.26 -9.62
C GLN A 27 -16.64 -34.63 -8.24
N PHE A 28 -16.11 -33.41 -8.17
CA PHE A 28 -15.95 -32.69 -6.92
C PHE A 28 -17.17 -31.85 -6.55
N ASN A 29 -18.30 -32.07 -7.24
CA ASN A 29 -19.56 -31.39 -6.95
C ASN A 29 -19.45 -29.87 -7.07
N HIS A 30 -18.58 -29.39 -7.96
CA HIS A 30 -18.55 -27.98 -8.29
C HIS A 30 -19.80 -27.61 -9.07
N ASP A 31 -20.45 -26.51 -8.68
CA ASP A 31 -21.73 -26.16 -9.27
C ASP A 31 -21.58 -25.52 -10.66
N THR A 32 -20.61 -24.63 -10.81
CA THR A 32 -20.39 -23.94 -12.08
C THR A 32 -18.92 -24.05 -12.48
N GLN A 33 -18.65 -23.68 -13.73
CA GLN A 33 -17.27 -23.66 -14.23
C GLN A 33 -16.44 -22.57 -13.57
N ASP A 34 -17.09 -21.59 -12.93
CA ASP A 34 -16.34 -20.59 -12.15
C ASP A 34 -15.80 -21.21 -10.88
N GLU A 35 -16.59 -22.07 -10.22
CA GLU A 35 -16.13 -22.73 -9.01
C GLU A 35 -14.90 -23.60 -9.28
N ALA A 36 -14.97 -24.44 -10.31
CA ALA A 36 -13.87 -25.35 -10.61
C ALA A 36 -12.65 -24.58 -11.10
N GLY A 37 -12.86 -23.57 -11.96
CA GLY A 37 -11.72 -22.86 -12.53
C GLY A 37 -10.85 -22.21 -11.48
N LEU A 38 -11.45 -21.72 -10.39
CA LEU A 38 -10.68 -21.11 -9.33
C LEU A 38 -9.81 -22.13 -8.61
N GLU A 39 -10.13 -23.42 -8.73
CA GLU A 39 -9.26 -24.46 -8.19
C GLU A 39 -8.22 -24.93 -9.20
N VAL A 40 -8.55 -24.93 -10.50
CA VAL A 40 -7.56 -25.26 -11.51
C VAL A 40 -6.56 -24.12 -11.69
N HIS A 41 -6.99 -22.89 -11.43
CA HIS A 41 -6.10 -21.74 -11.58
C HIS A 41 -4.81 -21.91 -10.79
N GLN A 42 -4.88 -22.56 -9.62
CA GLN A 42 -3.70 -22.75 -8.78
C GLN A 42 -2.57 -23.49 -9.51
N PHE A 43 -2.90 -24.26 -10.54
CA PHE A 43 -1.93 -25.11 -11.23
C PHE A 43 -1.32 -24.43 -12.46
N TRP A 44 -1.83 -23.28 -12.88
CA TRP A 44 -1.39 -22.69 -14.14
C TRP A 44 0.10 -22.34 -14.16
N PRO A 45 0.73 -21.91 -13.06
CA PRO A 45 2.20 -21.86 -13.07
C PRO A 45 2.85 -23.23 -13.25
N LEU A 46 2.27 -24.29 -12.66
CA LEU A 46 2.80 -25.63 -12.87
C LEU A 46 2.71 -26.02 -14.34
N VAL A 47 1.64 -25.61 -15.01
CA VAL A 47 1.49 -25.85 -16.45
C VAL A 47 2.52 -25.03 -17.22
N GLU A 48 2.64 -23.74 -16.88
CA GLU A 48 3.57 -22.88 -17.58
C GLU A 48 5.02 -23.33 -17.36
N ILE A 49 5.33 -23.79 -16.16
CA ILE A 49 6.66 -24.35 -15.90
C ILE A 49 6.94 -25.53 -16.81
N GLN A 50 5.89 -26.30 -17.16
CA GLN A 50 6.00 -27.47 -18.02
C GLN A 50 6.84 -28.57 -17.38
N CYS A 51 6.50 -28.90 -16.12
CA CYS A 51 7.11 -30.05 -15.47
C CYS A 51 6.55 -31.36 -16.00
N SER A 52 5.42 -31.31 -16.69
CA SER A 52 4.82 -32.48 -17.33
C SER A 52 3.82 -32.01 -18.38
N PRO A 53 4.03 -32.37 -19.65
CA PRO A 53 3.04 -32.04 -20.69
C PRO A 53 1.70 -32.74 -20.48
N ASP A 54 1.64 -33.78 -19.65
CA ASP A 54 0.38 -34.45 -19.34
C ASP A 54 -0.38 -33.78 -18.20
N LEU A 55 0.24 -32.83 -17.51
CA LEU A 55 -0.45 -32.14 -16.42
C LEU A 55 -1.63 -31.31 -16.94
N LYS A 56 -1.46 -30.70 -18.11
CA LYS A 56 -2.53 -29.92 -18.73
C LYS A 56 -3.80 -30.75 -18.90
N PHE A 57 -3.67 -31.88 -19.61
CA PHE A 57 -4.84 -32.71 -19.90
C PHE A 57 -5.41 -33.33 -18.62
N PHE A 58 -4.54 -33.70 -17.68
CA PHE A 58 -5.00 -34.43 -16.51
C PHE A 58 -5.94 -33.59 -15.64
N LEU A 59 -5.54 -32.36 -15.34
CA LEU A 59 -6.40 -31.49 -14.53
C LEU A 59 -7.73 -31.25 -15.22
N CYS A 60 -7.68 -30.83 -16.49
CA CYS A 60 -8.90 -30.49 -17.19
C CYS A 60 -9.81 -31.71 -17.35
N SER A 61 -9.22 -32.89 -17.57
CA SER A 61 -10.02 -34.11 -17.65
C SER A 61 -10.73 -34.42 -16.33
N MET A 62 -10.31 -33.79 -15.24
CA MET A 62 -10.90 -34.02 -13.92
C MET A 62 -11.80 -32.88 -13.47
N TYR A 63 -11.39 -31.63 -13.68
CA TYR A 63 -12.20 -30.49 -13.25
C TYR A 63 -13.25 -30.12 -14.29
N THR A 64 -12.90 -30.22 -15.58
CA THR A 64 -13.84 -30.00 -16.67
C THR A 64 -13.92 -31.28 -17.49
N PRO A 65 -14.66 -32.29 -17.01
CA PRO A 65 -14.68 -33.58 -17.69
C PRO A 65 -15.30 -33.46 -19.07
N ILE A 66 -14.90 -34.36 -19.97
CA ILE A 66 -15.42 -34.29 -21.34
C ILE A 66 -16.91 -34.60 -21.35
N CYS A 67 -17.64 -33.83 -22.16
CA CYS A 67 -19.09 -33.95 -22.31
C CYS A 67 -19.36 -34.25 -23.78
N LEU A 68 -19.28 -35.54 -24.13
CA LEU A 68 -19.75 -35.97 -25.44
C LEU A 68 -21.27 -35.92 -25.45
N GLU A 69 -21.83 -35.23 -26.45
CA GLU A 69 -23.28 -35.14 -26.54
C GLU A 69 -23.90 -36.47 -26.97
N ASP A 70 -23.15 -37.32 -27.66
CA ASP A 70 -23.64 -38.64 -28.05
C ASP A 70 -23.58 -39.62 -26.88
N TYR A 71 -22.56 -39.51 -26.05
CA TYR A 71 -22.16 -40.53 -25.09
C TYR A 71 -22.23 -39.93 -23.69
N LYS A 72 -23.04 -40.54 -22.82
CA LYS A 72 -23.38 -39.93 -21.53
C LYS A 72 -22.88 -40.75 -20.34
N LYS A 73 -21.85 -41.58 -20.52
CA LYS A 73 -21.17 -42.08 -19.33
C LYS A 73 -19.87 -41.32 -19.14
N PRO A 74 -19.59 -40.82 -17.93
CA PRO A 74 -18.34 -40.09 -17.68
C PRO A 74 -17.10 -40.77 -18.23
N LEU A 75 -16.28 -40.04 -18.96
CA LEU A 75 -15.01 -40.55 -19.47
C LEU A 75 -13.86 -39.96 -18.66
N PRO A 76 -13.21 -40.74 -17.80
CA PRO A 76 -12.10 -40.21 -17.03
C PRO A 76 -10.78 -40.42 -17.76
N PRO A 77 -9.69 -39.83 -17.30
CA PRO A 77 -8.38 -40.16 -17.85
C PRO A 77 -7.83 -41.43 -17.22
N CYS A 78 -6.85 -42.02 -17.91
CA CYS A 78 -6.22 -43.23 -17.39
C CYS A 78 -5.32 -42.89 -16.21
N ARG A 79 -4.90 -43.94 -15.50
CA ARG A 79 -3.96 -43.73 -14.39
C ARG A 79 -2.60 -43.29 -14.91
N SER A 80 -2.26 -43.64 -16.15
CA SER A 80 -0.95 -43.28 -16.70
C SER A 80 -0.83 -41.78 -16.89
N VAL A 81 -1.91 -41.12 -17.32
CA VAL A 81 -1.91 -39.67 -17.42
C VAL A 81 -1.61 -39.05 -16.06
N CYS A 82 -2.11 -39.67 -14.99
CA CYS A 82 -1.88 -39.15 -13.64
C CYS A 82 -0.46 -39.42 -13.19
N GLU A 83 0.05 -40.64 -13.41
CA GLU A 83 1.37 -40.99 -12.93
C GLU A 83 2.46 -40.17 -13.61
N ARG A 84 2.25 -39.78 -14.87
CA ARG A 84 3.23 -38.92 -15.54
C ARG A 84 3.13 -37.48 -15.04
N ALA A 85 1.91 -36.98 -14.84
CA ALA A 85 1.74 -35.65 -14.25
C ALA A 85 2.23 -35.61 -12.81
N LYS A 86 2.05 -36.71 -12.07
CA LYS A 86 2.51 -36.79 -10.69
C LYS A 86 4.02 -36.76 -10.63
N ALA A 87 4.66 -37.90 -10.93
CA ALA A 87 6.11 -38.01 -10.80
C ALA A 87 6.84 -36.95 -11.62
N GLY A 88 6.24 -36.50 -12.72
CA GLY A 88 6.86 -35.44 -13.50
C GLY A 88 6.93 -34.11 -12.77
N CYS A 89 5.91 -33.82 -11.95
CA CYS A 89 5.86 -32.56 -11.22
C CYS A 89 6.01 -32.72 -9.71
N ALA A 90 5.39 -33.77 -9.12
CA ALA A 90 5.27 -33.97 -7.67
C ALA A 90 6.53 -33.58 -6.89
N PRO A 91 7.74 -33.91 -7.36
CA PRO A 91 8.94 -33.37 -6.70
C PRO A 91 8.96 -31.86 -6.56
N LEU A 92 8.39 -31.11 -7.51
CA LEU A 92 8.44 -29.64 -7.44
C LEU A 92 7.67 -29.13 -6.23
N MET A 93 6.42 -29.57 -6.05
CA MET A 93 5.69 -29.21 -4.84
C MET A 93 6.39 -29.76 -3.59
N ARG A 94 7.00 -30.95 -3.69
CA ARG A 94 7.62 -31.55 -2.52
C ARG A 94 8.86 -30.78 -2.07
N GLN A 95 9.58 -30.16 -3.00
CA GLN A 95 10.76 -29.38 -2.61
C GLN A 95 10.36 -28.13 -1.84
N TYR A 96 9.25 -27.50 -2.21
CA TYR A 96 8.90 -26.19 -1.70
C TYR A 96 7.77 -26.23 -0.67
N GLY A 97 7.57 -27.36 0.00
CA GLY A 97 6.62 -27.44 1.08
C GLY A 97 5.17 -27.59 0.67
N PHE A 98 4.90 -27.88 -0.58
CA PHE A 98 3.55 -28.18 -1.03
C PHE A 98 3.38 -29.69 -1.14
N ALA A 99 2.19 -30.13 -1.54
CA ALA A 99 1.91 -31.55 -1.63
C ALA A 99 0.94 -31.83 -2.77
N TRP A 100 1.17 -32.92 -3.47
CA TRP A 100 0.27 -33.42 -4.49
C TRP A 100 -1.12 -33.63 -3.89
N PRO A 101 -2.15 -32.91 -4.34
CA PRO A 101 -3.43 -32.93 -3.63
C PRO A 101 -4.08 -34.31 -3.69
N ASP A 102 -4.84 -34.62 -2.64
CA ASP A 102 -5.59 -35.88 -2.60
C ASP A 102 -6.60 -35.98 -3.72
N ARG A 103 -7.05 -34.84 -4.25
CA ARG A 103 -7.98 -34.86 -5.38
C ARG A 103 -7.30 -35.38 -6.64
N MET A 104 -5.98 -35.17 -6.77
CA MET A 104 -5.23 -35.57 -7.93
C MET A 104 -4.56 -36.94 -7.76
N ARG A 105 -5.18 -37.83 -7.00
CA ARG A 105 -4.62 -39.15 -6.77
C ARG A 105 -4.79 -40.03 -8.01
N CYS A 106 -3.83 -40.95 -8.20
CA CYS A 106 -3.80 -41.82 -9.37
C CYS A 106 -4.23 -43.25 -9.08
N ASP A 107 -4.40 -43.61 -7.81
CA ASP A 107 -4.54 -45.02 -7.44
C ASP A 107 -5.78 -45.65 -8.06
N ARG A 108 -6.96 -45.08 -7.80
CA ARG A 108 -8.20 -45.68 -8.25
C ARG A 108 -8.55 -45.32 -9.69
N LEU A 109 -7.58 -44.98 -10.52
CA LEU A 109 -8.01 -44.58 -11.86
C LEU A 109 -8.09 -45.78 -12.79
N PRO A 110 -9.02 -45.75 -13.75
CA PRO A 110 -9.15 -46.86 -14.70
C PRO A 110 -7.87 -47.02 -15.53
N GLU A 111 -7.35 -48.24 -15.56
CA GLU A 111 -6.12 -48.51 -16.30
C GLU A 111 -6.40 -48.60 -17.80
N GLN A 112 -5.41 -48.21 -18.60
CA GLN A 112 -5.55 -48.28 -20.05
C GLN A 112 -5.70 -49.71 -20.55
N GLY A 113 -5.25 -50.69 -19.77
CA GLY A 113 -5.29 -52.07 -20.23
C GLY A 113 -6.70 -52.63 -20.33
N ASN A 114 -7.55 -52.30 -19.38
CA ASN A 114 -8.90 -52.87 -19.32
C ASN A 114 -9.69 -52.51 -20.57
N PRO A 115 -10.11 -53.49 -21.37
CA PRO A 115 -10.75 -53.17 -22.67
C PRO A 115 -12.19 -52.76 -22.55
N ASP A 116 -12.87 -53.25 -21.50
CA ASP A 116 -14.24 -52.83 -21.23
C ASP A 116 -14.31 -51.34 -20.96
N THR A 117 -13.52 -50.88 -19.99
CA THR A 117 -13.65 -49.54 -19.42
C THR A 117 -12.73 -48.56 -20.14
N LEU A 118 -13.31 -47.45 -20.59
CA LEU A 118 -12.56 -46.45 -21.33
C LEU A 118 -11.83 -45.49 -20.41
N CYS A 119 -10.76 -44.90 -20.93
CA CYS A 119 -10.07 -43.80 -20.25
C CYS A 119 -9.24 -43.05 -21.28
N MET A 120 -9.35 -41.72 -21.27
CA MET A 120 -8.67 -40.91 -22.27
C MET A 120 -7.17 -40.84 -21.99
N ASP A 121 -6.38 -40.92 -23.06
CA ASP A 121 -4.92 -40.80 -22.95
C ASP A 121 -4.30 -40.59 -24.32
N TYR A 122 -3.47 -39.56 -24.46
CA TYR A 122 -2.70 -39.31 -25.67
C TYR A 122 -1.26 -39.73 -25.41
N ASN A 123 -0.78 -40.71 -26.17
CA ASN A 123 0.61 -41.16 -26.07
C ASN A 123 1.00 -41.52 -24.64
N GLU B 1 -18.05 -3.74 2.30
CA GLU B 1 -16.95 -2.79 2.35
C GLU B 1 -15.91 -3.23 3.37
N VAL B 2 -14.75 -3.68 2.87
CA VAL B 2 -13.71 -4.22 3.73
C VAL B 2 -13.00 -3.09 4.47
N GLN B 3 -12.86 -3.24 5.78
CA GLN B 3 -12.16 -2.27 6.62
C GLN B 3 -11.24 -2.99 7.59
N LEU B 4 -9.98 -2.55 7.64
CA LEU B 4 -8.99 -3.09 8.56
C LEU B 4 -8.33 -1.92 9.28
N VAL B 5 -8.60 -1.81 10.59
CA VAL B 5 -8.14 -0.68 11.40
C VAL B 5 -7.09 -1.20 12.38
N GLU B 6 -5.89 -0.63 12.31
CA GLU B 6 -4.80 -0.99 13.21
C GLU B 6 -4.67 0.05 14.32
N SER B 7 -4.68 -0.40 15.56
CA SER B 7 -4.46 0.45 16.73
C SER B 7 -3.24 -0.03 17.51
N GLY B 8 -2.82 0.79 18.46
CA GLY B 8 -1.70 0.44 19.32
C GLY B 8 -0.35 0.87 18.81
N GLY B 9 -0.29 1.78 17.85
CA GLY B 9 0.98 2.26 17.30
C GLY B 9 1.41 3.56 17.96
N GLY B 10 2.71 3.65 18.24
CA GLY B 10 3.26 4.83 18.88
C GLY B 10 4.75 4.69 19.13
N LEU B 11 5.19 5.06 20.33
CA LEU B 11 6.58 4.97 20.70
C LEU B 11 6.84 3.71 21.52
N VAL B 12 7.96 3.05 21.24
CA VAL B 12 8.40 1.89 22.01
C VAL B 12 9.90 2.03 22.24
N GLN B 13 10.33 1.95 23.49
CA GLN B 13 11.73 2.10 23.79
C GLN B 13 12.52 0.88 23.28
N PRO B 14 13.79 1.07 22.93
CA PRO B 14 14.59 -0.07 22.46
C PRO B 14 14.63 -1.18 23.51
N GLY B 15 14.54 -2.42 23.03
CA GLY B 15 14.39 -3.55 23.91
C GLY B 15 13.04 -3.67 24.57
N GLY B 16 12.09 -2.80 24.21
CA GLY B 16 10.75 -2.83 24.78
C GLY B 16 9.82 -3.77 24.03
N SER B 17 8.54 -3.66 24.37
CA SER B 17 7.52 -4.55 23.83
C SER B 17 6.51 -3.76 23.02
N LEU B 18 5.75 -4.48 22.20
CA LEU B 18 4.79 -3.89 21.31
C LEU B 18 3.60 -4.84 21.16
N ARG B 19 2.38 -4.29 21.19
CA ARG B 19 1.18 -5.05 20.89
C ARG B 19 0.33 -4.24 19.92
N LEU B 20 0.06 -4.80 18.76
CA LEU B 20 -0.81 -4.20 17.77
C LEU B 20 -2.11 -5.01 17.67
N SER B 21 -3.18 -4.32 17.31
CA SER B 21 -4.49 -4.96 17.16
C SER B 21 -5.16 -4.44 15.90
N CYS B 22 -5.61 -5.36 15.05
CA CYS B 22 -6.26 -5.05 13.79
C CYS B 22 -7.71 -5.48 13.88
N ALA B 23 -8.63 -4.52 13.73
CA ALA B 23 -10.07 -4.78 13.79
C ALA B 23 -10.62 -4.88 12.38
N ALA B 24 -11.14 -6.05 12.02
CA ALA B 24 -11.61 -6.33 10.66
C ALA B 24 -13.12 -6.23 10.58
N SER B 25 -13.61 -5.89 9.39
CA SER B 25 -15.04 -5.75 9.13
C SER B 25 -15.28 -5.81 7.64
N GLY B 26 -16.55 -5.95 7.25
CA GLY B 26 -16.93 -6.01 5.87
C GLY B 26 -16.79 -7.37 5.22
N PHE B 27 -16.27 -8.36 5.94
CA PHE B 27 -16.09 -9.70 5.40
C PHE B 27 -16.08 -10.69 6.55
N THR B 28 -16.31 -11.96 6.22
CA THR B 28 -16.21 -13.01 7.22
C THR B 28 -14.75 -13.16 7.64
N PHE B 29 -14.45 -12.71 8.86
CA PHE B 29 -13.06 -12.66 9.31
C PHE B 29 -12.44 -14.05 9.35
N SER B 30 -13.16 -15.03 9.88
CA SER B 30 -12.62 -16.37 10.05
C SER B 30 -12.44 -17.13 8.74
N SER B 31 -12.83 -16.55 7.61
CA SER B 31 -12.77 -17.23 6.33
C SER B 31 -11.51 -16.90 5.52
N PHE B 32 -10.57 -16.15 6.09
CA PHE B 32 -9.39 -15.70 5.36
C PHE B 32 -8.16 -15.74 6.24
N ASN B 33 -7.00 -16.00 5.63
CA ASN B 33 -5.75 -15.85 6.33
C ASN B 33 -5.46 -14.37 6.58
N MET B 34 -4.40 -14.11 7.32
CA MET B 34 -4.17 -12.78 7.88
C MET B 34 -2.67 -12.58 8.03
N PHE B 35 -2.17 -11.39 7.69
CA PHE B 35 -0.73 -11.16 7.72
C PHE B 35 -0.42 -9.78 8.31
N TRP B 36 0.83 -9.64 8.76
CA TRP B 36 1.41 -8.37 9.15
C TRP B 36 2.54 -8.05 8.18
N VAL B 37 2.46 -6.90 7.54
CA VAL B 37 3.50 -6.41 6.64
C VAL B 37 3.90 -5.03 7.10
N ARG B 38 5.20 -4.77 7.18
CA ARG B 38 5.67 -3.48 7.64
C ARG B 38 6.46 -2.77 6.54
N GLN B 39 6.63 -1.47 6.74
CA GLN B 39 7.36 -0.63 5.79
C GLN B 39 8.10 0.44 6.59
N ALA B 40 9.42 0.36 6.59
CA ALA B 40 10.20 1.43 7.19
C ALA B 40 10.03 2.70 6.36
N PRO B 41 10.10 3.87 6.99
CA PRO B 41 9.90 5.14 6.26
C PRO B 41 10.84 5.28 5.07
N GLY B 42 10.26 5.49 3.89
CA GLY B 42 11.02 5.60 2.67
C GLY B 42 11.56 4.28 2.12
N LYS B 43 11.27 3.16 2.76
CA LYS B 43 11.79 1.87 2.34
C LYS B 43 10.65 1.01 1.79
N GLY B 44 10.94 -0.26 1.53
CA GLY B 44 10.01 -1.15 0.88
C GLY B 44 9.19 -1.99 1.85
N LEU B 45 8.23 -2.71 1.29
CA LEU B 45 7.39 -3.60 2.08
C LEU B 45 8.21 -4.79 2.57
N GLU B 46 8.04 -5.14 3.85
CA GLU B 46 8.75 -6.27 4.44
C GLU B 46 7.78 -7.20 5.13
N TRP B 47 7.98 -8.49 4.92
CA TRP B 47 7.13 -9.55 5.43
C TRP B 47 7.43 -9.79 6.91
N VAL B 48 6.39 -9.80 7.76
CA VAL B 48 6.58 -9.96 9.19
C VAL B 48 5.95 -11.25 9.70
N ALA B 49 4.62 -11.30 9.77
CA ALA B 49 3.92 -12.39 10.43
C ALA B 49 2.66 -12.77 9.66
N GLY B 50 2.32 -14.04 9.71
CA GLY B 50 1.15 -14.55 9.03
C GLY B 50 0.53 -15.70 9.80
N ILE B 51 -0.78 -15.89 9.61
CA ILE B 51 -1.53 -16.85 10.40
C ILE B 51 -2.66 -17.41 9.54
N ASP B 52 -3.09 -18.63 9.86
CA ASP B 52 -4.15 -19.29 9.13
C ASP B 52 -5.53 -18.75 9.53
N ASP B 53 -6.59 -19.50 9.19
CA ASP B 53 -7.94 -19.07 9.49
C ASP B 53 -8.25 -19.18 10.97
N ASP B 54 -7.84 -20.28 11.60
CA ASP B 54 -8.15 -20.52 13.00
C ASP B 54 -7.02 -20.14 13.95
N GLY B 55 -5.78 -20.21 13.50
CA GLY B 55 -4.67 -19.81 14.32
C GLY B 55 -3.87 -20.96 14.90
N SER B 56 -3.66 -22.01 14.10
CA SER B 56 -2.90 -23.17 14.52
C SER B 56 -1.49 -23.19 13.95
N TYR B 57 -1.21 -22.39 12.92
CA TYR B 57 0.07 -22.44 12.21
C TYR B 57 0.59 -21.03 11.98
N PRO B 58 1.18 -20.41 13.01
CA PRO B 58 1.76 -19.08 12.83
C PRO B 58 3.03 -19.15 12.00
N ASN B 59 3.25 -18.10 11.21
CA ASN B 59 4.39 -17.99 10.32
C ASN B 59 5.04 -16.62 10.50
N TYR B 60 6.37 -16.59 10.56
CA TYR B 60 7.09 -15.36 10.85
C TYR B 60 8.24 -15.14 9.88
N GLY B 61 8.61 -13.87 9.71
CA GLY B 61 9.71 -13.49 8.86
C GLY B 61 11.05 -13.56 9.57
N SER B 62 12.11 -13.31 8.80
CA SER B 62 13.47 -13.50 9.30
C SER B 62 13.79 -12.56 10.45
N ALA B 63 13.65 -11.25 10.22
CA ALA B 63 14.07 -10.25 11.20
C ALA B 63 13.07 -10.14 12.35
N VAL B 64 12.33 -11.20 12.64
CA VAL B 64 11.17 -11.14 13.52
C VAL B 64 11.05 -12.44 14.28
N LYS B 65 11.53 -13.54 13.70
CA LYS B 65 11.36 -14.86 14.28
C LYS B 65 11.97 -14.93 15.67
N GLY B 66 11.23 -15.57 16.59
CA GLY B 66 11.64 -15.66 17.97
C GLY B 66 11.31 -14.45 18.82
N ARG B 67 11.00 -13.31 18.20
CA ARG B 67 10.65 -12.10 18.92
C ARG B 67 9.18 -11.73 18.83
N ALA B 68 8.45 -12.24 17.84
CA ALA B 68 7.08 -11.85 17.61
C ALA B 68 6.14 -13.03 17.81
N THR B 69 4.86 -12.71 17.92
CA THR B 69 3.81 -13.70 18.05
C THR B 69 2.54 -13.14 17.43
N ILE B 70 2.06 -13.78 16.37
CA ILE B 70 0.82 -13.39 15.71
C ILE B 70 -0.30 -14.26 16.24
N SER B 71 -1.50 -13.69 16.39
CA SER B 71 -2.65 -14.42 16.88
C SER B 71 -3.91 -13.70 16.42
N ARG B 72 -5.03 -14.43 16.46
CA ARG B 72 -6.33 -13.86 16.11
C ARG B 72 -7.37 -14.37 17.10
N ASP B 73 -8.47 -13.64 17.19
CA ASP B 73 -9.63 -14.08 17.95
C ASP B 73 -10.84 -13.77 17.08
N ASN B 74 -11.42 -14.83 16.50
CA ASN B 74 -12.51 -14.69 15.55
C ASN B 74 -13.83 -14.32 16.21
N SER B 75 -13.89 -14.20 17.54
CA SER B 75 -15.12 -13.78 18.19
C SER B 75 -15.36 -12.28 18.00
N LYS B 76 -14.35 -11.46 18.29
CA LYS B 76 -14.46 -10.02 18.11
C LYS B 76 -13.80 -9.54 16.82
N ASN B 77 -13.51 -10.45 15.89
CA ASN B 77 -12.97 -10.10 14.58
C ASN B 77 -11.71 -9.25 14.70
N THR B 78 -10.75 -9.75 15.48
CA THR B 78 -9.56 -8.98 15.79
C THR B 78 -8.31 -9.81 15.52
N LEU B 79 -7.32 -9.18 14.91
CA LEU B 79 -5.99 -9.74 14.73
C LEU B 79 -4.99 -9.00 15.63
N TYR B 80 -3.98 -9.73 16.10
CA TYR B 80 -3.02 -9.17 17.03
C TYR B 80 -1.60 -9.45 16.54
N LEU B 81 -0.67 -8.65 17.06
CA LEU B 81 0.75 -8.88 16.86
C LEU B 81 1.47 -8.39 18.11
N GLN B 82 2.23 -9.28 18.74
CA GLN B 82 3.06 -8.94 19.89
C GLN B 82 4.52 -9.10 19.51
N MET B 83 5.37 -8.20 20.02
CA MET B 83 6.79 -8.21 19.69
C MET B 83 7.59 -7.85 20.93
N ASN B 84 8.78 -8.44 21.03
CA ASN B 84 9.69 -8.17 22.14
C ASN B 84 11.08 -7.86 21.61
N SER B 85 11.90 -7.25 22.48
CA SER B 85 13.28 -6.91 22.18
C SER B 85 13.37 -6.10 20.88
N LEU B 86 12.59 -5.03 20.82
CA LEU B 86 12.57 -4.20 19.63
C LEU B 86 13.86 -3.41 19.52
N ARG B 87 14.43 -3.39 18.32
CA ARG B 87 15.62 -2.61 18.00
C ARG B 87 15.23 -1.44 17.11
N ALA B 88 16.21 -0.59 16.81
CA ALA B 88 15.95 0.56 15.94
C ALA B 88 15.46 0.09 14.57
N GLU B 89 15.99 -1.01 14.08
CA GLU B 89 15.59 -1.56 12.78
C GLU B 89 14.14 -2.07 12.78
N ASP B 90 13.34 -1.81 13.82
CA ASP B 90 11.94 -2.20 13.84
C ASP B 90 10.99 -1.02 13.65
N THR B 91 11.50 0.21 13.62
CA THR B 91 10.69 1.37 13.30
C THR B 91 10.12 1.25 11.89
N ALA B 92 8.80 1.31 11.77
CA ALA B 92 8.13 1.07 10.49
C ALA B 92 6.64 1.33 10.65
N VAL B 93 5.97 1.45 9.50
CA VAL B 93 4.51 1.47 9.45
C VAL B 93 4.03 0.04 9.29
N TYR B 94 3.18 -0.42 10.21
CA TYR B 94 2.78 -1.82 10.25
C TYR B 94 1.38 -1.95 9.65
N TYR B 95 1.26 -2.78 8.61
CA TYR B 95 0.03 -2.93 7.86
C TYR B 95 -0.65 -4.26 8.19
N CYS B 96 -1.97 -4.22 8.28
CA CYS B 96 -2.82 -5.40 8.41
C CYS B 96 -3.34 -5.77 7.02
N ALA B 97 -3.17 -7.04 6.62
CA ALA B 97 -3.37 -7.43 5.23
C ALA B 97 -4.19 -8.71 5.13
N LYS B 98 -5.36 -8.61 4.50
CA LYS B 98 -6.30 -9.72 4.36
C LYS B 98 -5.96 -10.60 3.15
N SER B 99 -6.25 -11.90 3.29
CA SER B 99 -6.04 -12.87 2.22
C SER B 99 -7.13 -12.82 1.16
N GLY B 100 -6.79 -13.32 -0.03
CA GLY B 100 -7.70 -13.36 -1.15
C GLY B 100 -8.40 -14.68 -1.26
N PRO B 101 -9.25 -14.81 -2.29
CA PRO B 101 -10.03 -16.05 -2.47
C PRO B 101 -9.17 -17.29 -2.47
N ARG B 102 -9.67 -18.34 -1.82
CA ARG B 102 -9.01 -19.64 -1.80
C ARG B 102 -10.00 -20.73 -2.19
N PRO B 103 -9.59 -21.70 -2.99
CA PRO B 103 -10.47 -22.82 -3.34
C PRO B 103 -10.68 -23.73 -2.16
N PRO B 104 -11.92 -23.89 -1.70
CA PRO B 104 -12.18 -24.76 -0.55
C PRO B 104 -12.02 -26.22 -0.91
N HIS B 105 -11.84 -27.04 0.13
CA HIS B 105 -11.80 -28.49 0.04
C HIS B 105 -10.62 -29.02 -0.76
N THR B 106 -9.54 -28.25 -0.86
CA THR B 106 -8.33 -28.74 -1.50
C THR B 106 -7.12 -28.28 -0.70
N THR B 107 -6.09 -29.11 -0.66
CA THR B 107 -4.86 -28.80 0.05
C THR B 107 -3.84 -28.09 -0.83
N TYR B 108 -4.18 -27.79 -2.08
CA TYR B 108 -3.31 -27.03 -2.96
C TYR B 108 -3.96 -25.69 -3.25
N TRP B 109 -3.38 -24.63 -2.70
CA TRP B 109 -3.84 -23.28 -2.92
C TRP B 109 -2.74 -22.33 -2.50
N HIS B 110 -2.73 -21.15 -3.11
CA HIS B 110 -1.70 -20.15 -2.85
C HIS B 110 -2.32 -18.93 -2.20
N LYS B 111 -1.54 -18.31 -1.32
CA LYS B 111 -2.01 -17.11 -0.63
C LYS B 111 -1.77 -15.87 -1.49
N SER B 112 -2.67 -14.91 -1.34
CA SER B 112 -2.50 -13.60 -1.96
C SER B 112 -2.90 -12.55 -0.92
N ILE B 113 -2.57 -11.31 -1.21
CA ILE B 113 -2.97 -10.17 -0.38
C ILE B 113 -4.13 -9.48 -1.06
N ASP B 114 -5.28 -9.43 -0.39
CA ASP B 114 -6.48 -8.87 -0.98
C ASP B 114 -6.76 -7.45 -0.51
N ALA B 115 -6.59 -7.16 0.78
CA ALA B 115 -6.92 -5.86 1.33
C ALA B 115 -5.83 -5.45 2.32
N TRP B 116 -5.60 -4.13 2.40
CA TRP B 116 -4.61 -3.56 3.30
C TRP B 116 -5.27 -2.57 4.25
N GLY B 117 -4.84 -2.58 5.50
CA GLY B 117 -5.23 -1.55 6.43
C GLY B 117 -4.54 -0.24 6.10
N GLN B 118 -4.85 0.78 6.91
CA GLN B 118 -4.21 2.07 6.73
C GLN B 118 -2.85 2.15 7.42
N GLY B 119 -2.52 1.19 8.27
CA GLY B 119 -1.22 1.14 8.91
C GLY B 119 -1.14 2.02 10.14
N THR B 120 -0.23 1.64 11.03
CA THR B 120 0.05 2.41 12.24
C THR B 120 1.56 2.49 12.42
N LEU B 121 2.05 3.68 12.75
CA LEU B 121 3.49 3.92 12.82
C LEU B 121 4.01 3.55 14.20
N VAL B 122 5.04 2.72 14.22
CA VAL B 122 5.70 2.30 15.45
C VAL B 122 7.12 2.86 15.43
N THR B 123 7.39 3.84 16.29
CA THR B 123 8.71 4.45 16.38
C THR B 123 9.47 3.85 17.56
N VAL B 124 10.66 3.33 17.28
CA VAL B 124 11.52 2.74 18.29
C VAL B 124 12.58 3.78 18.63
N SER B 125 12.35 4.52 19.71
CA SER B 125 13.26 5.55 20.16
C SER B 125 13.32 5.53 21.68
N SER B 126 14.43 6.07 22.22
CA SER B 126 14.61 6.20 23.66
C SER B 126 14.02 7.48 24.21
N ALA B 127 13.80 8.49 23.36
CA ALA B 127 13.22 9.74 23.80
C ALA B 127 11.80 9.53 24.29
N SER B 128 11.36 10.42 25.18
CA SER B 128 9.98 10.36 25.64
C SER B 128 9.05 10.91 24.56
N THR B 129 7.79 10.51 24.64
CA THR B 129 6.79 11.10 23.76
C THR B 129 6.50 12.53 24.21
N LYS B 130 6.00 13.33 23.28
CA LYS B 130 5.66 14.71 23.60
C LYS B 130 4.48 15.14 22.75
N GLY B 131 3.37 15.50 23.39
CA GLY B 131 2.23 16.05 22.71
C GLY B 131 2.60 17.35 22.00
N PRO B 132 1.81 17.73 21.00
CA PRO B 132 2.12 18.91 20.21
C PRO B 132 1.56 20.20 20.80
N SER B 133 2.23 21.30 20.46
CA SER B 133 1.73 22.65 20.72
C SER B 133 1.18 23.21 19.40
N VAL B 134 -0.09 23.56 19.39
CA VAL B 134 -0.81 23.94 18.18
C VAL B 134 -1.07 25.44 18.20
N PHE B 135 -0.59 26.14 17.18
CA PHE B 135 -0.75 27.58 17.06
C PHE B 135 -1.44 27.94 15.75
N PRO B 136 -2.29 28.96 15.75
CA PRO B 136 -3.04 29.30 14.53
C PRO B 136 -2.15 29.93 13.48
N LEU B 137 -2.46 29.65 12.22
CA LEU B 137 -1.93 30.39 11.08
C LEU B 137 -3.07 31.28 10.59
N ALA B 138 -3.20 32.44 11.22
CA ALA B 138 -4.42 33.22 11.12
C ALA B 138 -4.55 33.88 9.74
N PRO B 139 -5.69 33.70 9.06
CA PRO B 139 -5.89 34.40 7.79
C PRO B 139 -5.85 35.90 7.99
N SER B 140 -5.39 36.60 6.97
CA SER B 140 -5.40 38.05 6.94
C SER B 140 -5.47 38.50 5.50
N SER B 141 -5.56 39.81 5.29
CA SER B 141 -5.41 40.33 3.94
C SER B 141 -4.03 40.01 3.38
N LYS B 142 -3.04 39.80 4.25
CA LYS B 142 -1.68 39.49 3.80
C LYS B 142 -1.56 38.06 3.30
N SER B 143 -2.47 37.18 3.71
CA SER B 143 -2.47 35.79 3.25
C SER B 143 -3.55 35.52 2.21
N THR B 144 -4.29 36.54 1.81
CA THR B 144 -5.33 36.39 0.79
C THR B 144 -4.78 36.80 -0.56
N SER B 145 -4.90 35.92 -1.54
CA SER B 145 -4.39 36.13 -2.88
C SER B 145 -5.54 35.97 -3.87
N GLY B 146 -6.08 37.09 -4.34
CA GLY B 146 -7.12 37.06 -5.34
C GLY B 146 -8.42 36.42 -4.87
N GLY B 147 -8.90 36.80 -3.69
CA GLY B 147 -10.15 36.33 -3.17
C GLY B 147 -10.12 35.00 -2.46
N THR B 148 -8.99 34.30 -2.46
CA THR B 148 -8.85 33.05 -1.71
C THR B 148 -7.88 33.30 -0.56
N ALA B 149 -8.35 33.09 0.66
CA ALA B 149 -7.53 33.23 1.86
C ALA B 149 -6.93 31.89 2.23
N ALA B 150 -5.64 31.89 2.53
CA ALA B 150 -4.95 30.70 3.02
C ALA B 150 -4.85 30.77 4.55
N LEU B 151 -5.21 29.67 5.20
CA LEU B 151 -5.19 29.62 6.66
C LEU B 151 -4.76 28.22 7.09
N GLY B 152 -4.41 28.11 8.36
CA GLY B 152 -4.00 26.82 8.88
C GLY B 152 -3.72 26.86 10.36
N CYS B 153 -3.08 25.81 10.84
CA CYS B 153 -2.54 25.80 12.19
C CYS B 153 -1.23 25.05 12.17
N LEU B 154 -0.31 25.48 13.04
CA LEU B 154 1.04 24.97 13.10
C LEU B 154 1.14 23.96 14.23
N VAL B 155 1.56 22.74 13.91
CA VAL B 155 1.68 21.67 14.89
C VAL B 155 3.17 21.54 15.22
N LYS B 156 3.58 22.07 16.36
CA LYS B 156 4.97 22.30 16.70
C LYS B 156 5.42 21.42 17.86
N ASP B 157 6.65 20.92 17.76
CA ASP B 157 7.37 20.32 18.89
C ASP B 157 6.60 19.14 19.50
N TYR B 158 6.55 18.05 18.72
CA TYR B 158 5.92 16.81 19.16
C TYR B 158 6.79 15.63 18.77
N PHE B 159 6.59 14.51 19.48
CA PHE B 159 7.36 13.30 19.20
C PHE B 159 6.63 12.12 19.81
N PRO B 160 6.55 10.99 19.11
CA PRO B 160 7.04 10.76 17.74
C PRO B 160 5.98 11.12 16.72
N GLU B 161 6.24 10.76 15.47
CA GLU B 161 5.24 10.85 14.44
C GLU B 161 4.18 9.75 14.66
N PRO B 162 3.01 9.86 14.01
CA PRO B 162 2.55 10.92 13.09
C PRO B 162 1.62 11.90 13.76
N VAL B 163 1.31 12.97 13.03
CA VAL B 163 0.23 13.89 13.38
C VAL B 163 -0.69 14.02 12.17
N THR B 164 -1.95 13.67 12.36
CA THR B 164 -2.97 13.89 11.35
C THR B 164 -3.82 15.08 11.76
N VAL B 165 -4.27 15.86 10.77
CA VAL B 165 -5.20 16.95 11.03
C VAL B 165 -6.36 16.83 10.06
N SER B 166 -7.49 17.37 10.46
CA SER B 166 -8.64 17.56 9.60
C SER B 166 -9.17 18.96 9.85
N TRP B 167 -10.28 19.29 9.18
CA TRP B 167 -10.81 20.64 9.24
C TRP B 167 -12.32 20.58 9.36
N ASN B 168 -12.86 21.25 10.37
CA ASN B 168 -14.29 21.23 10.66
C ASN B 168 -14.79 19.80 10.80
N SER B 169 -14.00 18.97 11.49
CA SER B 169 -14.32 17.57 11.75
C SER B 169 -14.49 16.79 10.45
N GLY B 170 -13.65 17.10 9.46
CA GLY B 170 -13.69 16.45 8.18
C GLY B 170 -14.74 16.96 7.22
N ALA B 171 -15.48 18.01 7.57
CA ALA B 171 -16.46 18.57 6.66
C ALA B 171 -15.82 19.49 5.62
N LEU B 172 -14.60 19.94 5.85
CA LEU B 172 -13.88 20.75 4.88
C LEU B 172 -12.63 19.98 4.45
N THR B 173 -12.60 19.60 3.18
CA THR B 173 -11.49 18.83 2.62
C THR B 173 -10.93 19.42 1.33
N SER B 174 -11.69 20.21 0.60
CA SER B 174 -11.18 20.84 -0.61
C SER B 174 -10.17 21.92 -0.24
N GLY B 175 -8.98 21.83 -0.83
CA GLY B 175 -7.92 22.80 -0.58
C GLY B 175 -7.04 22.48 0.60
N VAL B 176 -7.34 21.43 1.36
CA VAL B 176 -6.55 21.06 2.52
C VAL B 176 -5.29 20.35 2.06
N HIS B 177 -4.15 20.74 2.62
CA HIS B 177 -2.90 20.00 2.45
C HIS B 177 -2.15 20.01 3.77
N THR B 178 -1.80 18.83 4.26
CA THR B 178 -0.97 18.70 5.45
C THR B 178 0.44 18.33 4.99
N PHE B 179 1.40 19.16 5.35
CA PHE B 179 2.74 18.99 4.85
C PHE B 179 3.49 17.93 5.65
N PRO B 180 4.48 17.27 5.05
CA PRO B 180 5.35 16.39 5.82
C PRO B 180 5.96 17.12 7.02
N ALA B 181 6.31 16.34 8.03
CA ALA B 181 6.90 16.88 9.24
C ALA B 181 8.41 17.00 9.09
N VAL B 182 8.99 18.07 9.63
CA VAL B 182 10.43 18.26 9.65
C VAL B 182 10.96 17.93 11.04
N LEU B 183 12.09 17.23 11.09
CA LEU B 183 12.78 16.96 12.35
C LEU B 183 13.71 18.14 12.65
N GLN B 184 13.41 18.87 13.71
CA GLN B 184 14.19 20.04 14.06
C GLN B 184 15.43 19.62 14.84
N SER B 185 16.35 20.59 15.01
CA SER B 185 17.60 20.33 15.70
C SER B 185 17.38 19.79 17.12
N SER B 186 16.18 19.97 17.68
CA SER B 186 15.86 19.53 19.02
C SER B 186 15.49 18.06 19.10
N GLY B 187 15.39 17.37 17.97
CA GLY B 187 14.87 16.02 17.94
C GLY B 187 13.36 15.94 17.93
N LEU B 188 12.66 17.06 17.98
CA LEU B 188 11.21 17.11 17.96
C LEU B 188 10.72 17.46 16.56
N TYR B 189 9.48 17.06 16.28
CA TYR B 189 8.89 17.26 14.97
C TYR B 189 8.02 18.50 14.96
N SER B 190 7.79 19.02 13.74
CA SER B 190 6.86 20.10 13.51
C SER B 190 6.28 19.94 12.12
N LEU B 191 5.00 20.29 11.98
CA LEU B 191 4.37 20.32 10.66
C LEU B 191 3.32 21.42 10.64
N SER B 192 2.81 21.67 9.44
CA SER B 192 1.71 22.60 9.23
C SER B 192 0.65 21.95 8.37
N SER B 193 -0.55 22.51 8.44
CA SER B 193 -1.65 22.11 7.56
C SER B 193 -2.39 23.35 7.12
N VAL B 194 -2.60 23.50 5.82
CA VAL B 194 -3.21 24.70 5.26
C VAL B 194 -4.46 24.31 4.49
N VAL B 195 -5.46 25.17 4.54
CA VAL B 195 -6.64 25.07 3.67
C VAL B 195 -6.85 26.43 3.04
N THR B 196 -7.18 26.44 1.75
CA THR B 196 -7.51 27.67 1.05
C THR B 196 -9.02 27.75 0.86
N VAL B 197 -9.56 28.95 1.06
CA VAL B 197 -11.00 29.10 1.26
C VAL B 197 -11.43 30.44 0.68
N PRO B 198 -12.67 30.61 0.23
CA PRO B 198 -13.13 31.92 -0.23
C PRO B 198 -13.01 32.98 0.87
N SER B 199 -12.72 34.20 0.44
CA SER B 199 -12.46 35.31 1.36
C SER B 199 -13.68 35.60 2.24
N SER B 200 -14.88 35.61 1.63
CA SER B 200 -16.07 36.02 2.37
C SER B 200 -16.37 35.07 3.51
N SER B 201 -16.06 33.78 3.35
CA SER B 201 -16.35 32.77 4.37
C SER B 201 -15.45 32.90 5.61
N LEU B 202 -14.56 33.89 5.66
CA LEU B 202 -13.79 34.13 6.88
C LEU B 202 -14.69 34.56 8.03
N GLY B 203 -15.73 35.34 7.73
CA GLY B 203 -16.66 35.76 8.74
C GLY B 203 -17.84 34.81 8.90
N THR B 204 -18.36 34.31 7.76
CA THR B 204 -19.55 33.47 7.81
C THR B 204 -19.25 32.06 8.29
N GLN B 205 -17.99 31.64 8.30
CA GLN B 205 -17.62 30.28 8.68
C GLN B 205 -16.47 30.31 9.67
N THR B 206 -16.61 29.56 10.77
CA THR B 206 -15.50 29.34 11.68
C THR B 206 -14.74 28.09 11.27
N TYR B 207 -13.43 28.10 11.49
CA TYR B 207 -12.55 27.05 11.03
C TYR B 207 -11.78 26.47 12.21
N ILE B 208 -12.01 25.19 12.48
CA ILE B 208 -11.31 24.44 13.51
C ILE B 208 -10.46 23.38 12.83
N CYS B 209 -9.16 23.39 13.12
CA CYS B 209 -8.32 22.29 12.72
C CYS B 209 -8.28 21.26 13.84
N ASN B 210 -8.43 20.00 13.48
CA ASN B 210 -8.47 18.90 14.43
C ASN B 210 -7.15 18.15 14.33
N VAL B 211 -6.20 18.58 15.16
CA VAL B 211 -4.92 17.90 15.26
C VAL B 211 -5.12 16.65 16.11
N ASN B 212 -4.62 15.52 15.63
CA ASN B 212 -4.65 14.27 16.38
C ASN B 212 -3.24 13.72 16.44
N HIS B 213 -2.74 13.49 17.66
CA HIS B 213 -1.45 12.87 17.91
C HIS B 213 -1.69 11.63 18.75
N LYS B 214 -2.00 10.52 18.07
CA LYS B 214 -2.24 9.25 18.74
C LYS B 214 -1.11 8.81 19.67
N PRO B 215 0.18 8.90 19.30
CA PRO B 215 1.23 8.39 20.20
C PRO B 215 1.18 8.96 21.62
N SER B 216 0.77 10.21 21.79
CA SER B 216 0.58 10.77 23.12
C SER B 216 -0.90 10.95 23.45
N ASN B 217 -1.78 10.26 22.74
CA ASN B 217 -3.22 10.24 23.05
C ASN B 217 -3.80 11.64 23.12
N THR B 218 -3.25 12.56 22.34
CA THR B 218 -3.65 13.96 22.39
C THR B 218 -4.50 14.32 21.18
N LYS B 219 -5.40 15.27 21.39
CA LYS B 219 -6.35 15.72 20.37
C LYS B 219 -6.58 17.20 20.60
N VAL B 220 -6.16 18.03 19.65
CA VAL B 220 -6.28 19.47 19.76
C VAL B 220 -7.22 19.96 18.67
N ASP B 221 -8.21 20.76 19.06
CA ASP B 221 -9.14 21.41 18.15
C ASP B 221 -8.93 22.91 18.31
N LYS B 222 -8.21 23.52 17.37
CA LYS B 222 -7.81 24.91 17.48
C LYS B 222 -8.64 25.75 16.53
N LYS B 223 -9.33 26.74 17.08
CA LYS B 223 -10.08 27.71 16.27
C LYS B 223 -9.10 28.68 15.63
N VAL B 224 -9.14 28.75 14.30
CA VAL B 224 -8.25 29.62 13.53
C VAL B 224 -9.05 30.87 13.17
N GLU B 225 -8.84 31.93 13.94
CA GLU B 225 -9.55 33.20 13.82
C GLU B 225 -8.70 34.18 13.04
N PRO B 226 -9.28 34.86 12.04
CA PRO B 226 -8.52 35.90 11.33
C PRO B 226 -8.36 37.13 12.20
N LYS B 227 -7.30 37.88 11.93
CA LYS B 227 -7.08 39.18 12.55
C LYS B 227 -6.21 40.02 11.63
N SER B 228 -6.53 41.31 11.55
CA SER B 228 -5.88 42.19 10.59
C SER B 228 -4.99 43.21 11.30
N GLU C 1 13.17 -12.81 -2.38
CA GLU C 1 14.03 -12.70 -3.55
C GLU C 1 13.21 -12.39 -4.81
N LEU C 2 12.65 -11.19 -4.87
CA LEU C 2 11.88 -10.71 -6.00
C LEU C 2 12.55 -9.46 -6.55
N THR C 3 12.75 -9.40 -7.86
CA THR C 3 13.38 -8.26 -8.51
C THR C 3 12.41 -7.62 -9.49
N GLN C 4 12.40 -6.30 -9.52
CA GLN C 4 11.60 -5.51 -10.44
C GLN C 4 12.39 -4.26 -10.79
N PRO C 5 12.10 -3.64 -11.93
CA PRO C 5 12.90 -2.47 -12.33
C PRO C 5 12.69 -1.33 -11.34
N PRO C 6 13.74 -0.54 -11.09
CA PRO C 6 13.58 0.54 -10.10
C PRO C 6 12.61 1.61 -10.55
N SER C 7 12.56 1.91 -11.85
CA SER C 7 11.73 2.99 -12.35
C SER C 7 11.25 2.67 -13.75
N VAL C 8 10.09 3.21 -14.09
CA VAL C 8 9.52 3.13 -15.43
C VAL C 8 8.96 4.51 -15.77
N SER C 9 9.28 5.01 -16.97
CA SER C 9 8.82 6.31 -17.43
C SER C 9 7.96 6.12 -18.67
N VAL C 10 6.79 6.77 -18.68
CA VAL C 10 5.86 6.67 -19.80
C VAL C 10 5.18 8.02 -20.00
N SER C 11 4.63 8.22 -21.19
CA SER C 11 3.90 9.44 -21.51
C SER C 11 2.41 9.22 -21.29
N PRO C 12 1.65 10.31 -21.09
CA PRO C 12 0.19 10.16 -20.91
C PRO C 12 -0.43 9.45 -22.09
N GLY C 13 -1.34 8.52 -21.79
CA GLY C 13 -2.00 7.70 -22.78
C GLY C 13 -1.24 6.44 -23.17
N GLN C 14 0.06 6.37 -22.89
CA GLN C 14 0.86 5.22 -23.27
C GLN C 14 0.56 4.05 -22.33
N THR C 15 1.29 2.95 -22.53
CA THR C 15 1.11 1.73 -21.75
C THR C 15 2.42 1.41 -21.03
N ALA C 16 2.33 1.25 -19.72
CA ALA C 16 3.48 0.92 -18.90
C ALA C 16 3.50 -0.57 -18.59
N ARG C 17 4.70 -1.15 -18.55
CA ARG C 17 4.87 -2.57 -18.27
C ARG C 17 5.95 -2.73 -17.22
N ILE C 18 5.58 -3.33 -16.09
CA ILE C 18 6.49 -3.56 -14.98
C ILE C 18 6.61 -5.06 -14.75
N THR C 19 7.84 -5.56 -14.70
CA THR C 19 8.12 -6.99 -14.64
C THR C 19 8.62 -7.38 -13.26
N CYS C 20 8.20 -8.55 -12.79
CA CYS C 20 8.62 -9.09 -11.51
C CYS C 20 8.96 -10.56 -11.70
N SER C 21 10.08 -10.99 -11.10
CA SER C 21 10.51 -12.37 -11.22
C SER C 21 11.20 -12.80 -9.93
N GLY C 22 11.36 -14.11 -9.79
CA GLY C 22 12.02 -14.69 -8.64
C GLY C 22 13.44 -15.13 -8.97
N ASP C 23 14.28 -15.15 -7.94
CA ASP C 23 15.70 -15.43 -8.12
C ASP C 23 15.92 -16.94 -8.28
N GLY C 24 17.18 -17.35 -8.33
CA GLY C 24 17.57 -18.73 -8.60
C GLY C 24 17.10 -19.76 -7.61
N SER C 25 16.42 -19.36 -6.54
CA SER C 25 15.91 -20.31 -5.56
C SER C 25 14.44 -20.09 -5.22
N TRP C 26 13.80 -19.08 -5.78
CA TRP C 26 12.41 -18.80 -5.44
C TRP C 26 11.48 -19.79 -6.11
N CYS C 27 10.30 -19.97 -5.50
CA CYS C 27 9.27 -20.92 -5.92
C CYS C 27 8.78 -20.59 -7.33
N PRO C 28 9.23 -21.34 -8.33
CA PRO C 28 8.91 -20.97 -9.73
C PRO C 28 7.47 -21.22 -10.11
N PHE C 29 6.72 -21.99 -9.33
CA PHE C 29 5.32 -22.25 -9.60
C PHE C 29 4.39 -21.45 -8.70
N CYS C 30 4.94 -20.50 -7.94
CA CYS C 30 4.14 -19.66 -7.07
C CYS C 30 3.64 -18.43 -7.83
N PHE C 31 2.63 -17.79 -7.26
CA PHE C 31 1.97 -16.68 -7.91
C PHE C 31 2.62 -15.35 -7.54
N TYR C 32 2.25 -14.32 -8.28
CA TYR C 32 2.75 -12.96 -8.05
C TYR C 32 1.58 -12.02 -7.86
N GLY C 33 1.73 -11.08 -6.93
CA GLY C 33 0.75 -10.04 -6.73
C GLY C 33 1.31 -8.67 -7.06
N TRP C 34 0.43 -7.69 -7.25
CA TRP C 34 0.85 -6.32 -7.52
C TRP C 34 0.06 -5.39 -6.62
N TYR C 35 0.77 -4.49 -5.93
CA TYR C 35 0.15 -3.53 -5.03
C TYR C 35 0.67 -2.15 -5.39
N GLN C 36 -0.25 -1.20 -5.51
CA GLN C 36 0.07 0.17 -5.87
C GLN C 36 0.07 1.03 -4.61
N GLN C 37 1.12 1.84 -4.44
CA GLN C 37 1.23 2.77 -3.33
C GLN C 37 1.40 4.17 -3.89
N LYS C 38 0.29 4.92 -3.93
CA LYS C 38 0.36 6.33 -4.24
C LYS C 38 1.08 7.07 -3.11
N PRO C 39 1.67 8.25 -3.40
CA PRO C 39 2.43 8.98 -2.38
C PRO C 39 1.64 9.21 -1.10
N GLY C 40 2.19 8.74 0.02
CA GLY C 40 1.58 8.94 1.33
C GLY C 40 0.37 8.10 1.65
N GLN C 41 -0.01 7.17 0.79
CA GLN C 41 -1.20 6.35 1.00
C GLN C 41 -0.81 4.90 1.32
N ALA C 42 -1.73 4.19 1.95
CA ALA C 42 -1.53 2.78 2.20
C ALA C 42 -1.58 2.01 0.88
N PRO C 43 -0.87 0.88 0.78
CA PRO C 43 -0.89 0.10 -0.46
C PRO C 43 -2.28 -0.42 -0.78
N VAL C 44 -2.50 -0.66 -2.06
CA VAL C 44 -3.79 -1.17 -2.56
C VAL C 44 -3.49 -2.21 -3.63
N THR C 45 -4.09 -3.39 -3.49
CA THR C 45 -3.81 -4.52 -4.37
C THR C 45 -4.52 -4.33 -5.70
N LEU C 46 -3.76 -4.34 -6.79
CA LEU C 46 -4.33 -4.34 -8.14
C LEU C 46 -4.52 -5.74 -8.70
N ILE C 47 -3.55 -6.64 -8.46
CA ILE C 47 -3.47 -7.95 -9.09
C ILE C 47 -3.13 -8.97 -8.01
N TYR C 48 -3.96 -10.01 -7.87
CA TYR C 48 -3.64 -11.19 -7.08
C TYR C 48 -3.77 -12.43 -7.96
N LEU C 49 -3.07 -13.49 -7.57
CA LEU C 49 -3.10 -14.77 -8.30
C LEU C 49 -2.72 -14.55 -9.76
N ASN C 50 -1.65 -13.78 -9.97
CA ASN C 50 -1.02 -13.54 -11.27
C ASN C 50 -1.81 -12.63 -12.21
N ASN C 51 -3.11 -12.88 -12.40
CA ASN C 51 -3.89 -12.06 -13.34
C ASN C 51 -5.35 -11.93 -12.92
N LYS C 52 -5.60 -11.61 -11.66
CA LYS C 52 -6.96 -11.42 -11.15
C LYS C 52 -7.06 -10.04 -10.50
N ARG C 53 -8.16 -9.34 -10.78
CA ARG C 53 -8.40 -8.00 -10.25
C ARG C 53 -9.43 -8.08 -9.14
N PRO C 54 -9.13 -7.63 -7.92
CA PRO C 54 -10.17 -7.55 -6.90
C PRO C 54 -11.25 -6.55 -7.27
N SER C 55 -12.38 -6.67 -6.58
CA SER C 55 -13.54 -5.83 -6.89
C SER C 55 -13.21 -4.36 -6.66
N GLY C 56 -13.36 -3.56 -7.71
CA GLY C 56 -13.10 -2.14 -7.66
C GLY C 56 -11.92 -1.68 -8.49
N ILE C 57 -10.99 -2.59 -8.81
CA ILE C 57 -9.82 -2.21 -9.61
C ILE C 57 -10.24 -2.07 -11.07
N PRO C 58 -9.89 -0.97 -11.74
CA PRO C 58 -10.28 -0.81 -13.15
C PRO C 58 -9.54 -1.81 -14.04
N GLU C 59 -10.20 -2.15 -15.15
CA GLU C 59 -9.71 -3.23 -16.01
C GLU C 59 -8.53 -2.82 -16.90
N ARG C 60 -8.07 -1.57 -16.84
CA ARG C 60 -6.86 -1.22 -17.55
C ARG C 60 -5.60 -1.72 -16.85
N PHE C 61 -5.71 -2.07 -15.57
CA PHE C 61 -4.65 -2.81 -14.88
C PHE C 61 -4.79 -4.29 -15.20
N SER C 62 -3.71 -4.92 -15.67
CA SER C 62 -3.78 -6.33 -16.01
C SER C 62 -2.46 -6.99 -15.69
N GLY C 63 -2.53 -8.30 -15.46
CA GLY C 63 -1.35 -9.10 -15.18
C GLY C 63 -1.20 -10.21 -16.21
N SER C 64 0.04 -10.62 -16.43
CA SER C 64 0.33 -11.70 -17.37
C SER C 64 1.56 -12.45 -16.87
N LEU C 65 1.62 -13.73 -17.20
CA LEU C 65 2.68 -14.60 -16.69
C LEU C 65 3.42 -15.22 -17.88
N SER C 66 4.74 -15.31 -17.75
CA SER C 66 5.58 -15.87 -18.81
C SER C 66 6.77 -16.54 -18.14
N GLY C 67 6.70 -17.86 -17.99
CA GLY C 67 7.71 -18.58 -17.24
C GLY C 67 7.61 -18.27 -15.76
N SER C 68 8.70 -17.76 -15.17
CA SER C 68 8.69 -17.31 -13.79
C SER C 68 8.68 -15.79 -13.67
N THR C 69 8.06 -15.11 -14.63
CA THR C 69 8.04 -13.66 -14.68
C THR C 69 6.61 -13.19 -14.92
N ASN C 70 6.10 -12.36 -14.02
CA ASN C 70 4.81 -11.71 -14.19
C ASN C 70 5.01 -10.27 -14.62
N THR C 71 4.11 -9.80 -15.48
CA THR C 71 4.17 -8.44 -16.00
C THR C 71 2.89 -7.71 -15.64
N LEU C 72 3.01 -6.61 -14.91
CA LEU C 72 1.90 -5.70 -14.71
C LEU C 72 1.79 -4.76 -15.90
N THR C 73 0.59 -4.61 -16.44
CA THR C 73 0.34 -3.76 -17.60
C THR C 73 -0.65 -2.68 -17.22
N ILE C 74 -0.27 -1.43 -17.42
CA ILE C 74 -1.13 -0.28 -17.15
C ILE C 74 -1.29 0.45 -18.47
N SER C 75 -2.52 0.46 -19.01
CA SER C 75 -2.81 1.17 -20.25
C SER C 75 -3.53 2.47 -19.93
N GLY C 76 -3.31 3.47 -20.79
CA GLY C 76 -3.89 4.78 -20.58
C GLY C 76 -3.32 5.46 -19.35
N VAL C 77 -2.00 5.44 -19.22
CA VAL C 77 -1.35 5.99 -18.03
C VAL C 77 -1.66 7.48 -17.94
N GLN C 78 -2.28 7.87 -16.82
CA GLN C 78 -2.50 9.27 -16.49
C GLN C 78 -1.52 9.70 -15.42
N ALA C 79 -1.40 11.02 -15.22
CA ALA C 79 -0.50 11.54 -14.20
C ALA C 79 -0.83 11.00 -12.82
N GLU C 80 -2.10 10.66 -12.57
CA GLU C 80 -2.51 10.12 -11.27
C GLU C 80 -1.90 8.75 -11.01
N ASP C 81 -1.57 8.00 -12.07
CA ASP C 81 -0.94 6.70 -11.90
C ASP C 81 0.48 6.79 -11.35
N GLU C 82 1.00 7.99 -11.13
CA GLU C 82 2.29 8.15 -10.46
C GLU C 82 2.22 7.53 -9.07
N ALA C 83 3.04 6.51 -8.83
CA ALA C 83 3.02 5.75 -7.59
C ALA C 83 4.19 4.78 -7.59
N ASP C 84 4.39 4.12 -6.44
CA ASP C 84 5.27 2.97 -6.36
C ASP C 84 4.45 1.69 -6.51
N TYR C 85 4.96 0.76 -7.32
CA TYR C 85 4.28 -0.51 -7.58
C TYR C 85 5.16 -1.66 -7.09
N TYR C 86 4.73 -2.33 -6.03
CA TYR C 86 5.45 -3.45 -5.47
C TYR C 86 4.83 -4.77 -5.92
N CYS C 87 5.68 -5.76 -6.20
CA CYS C 87 5.23 -7.12 -6.43
C CYS C 87 5.54 -7.98 -5.22
N GLY C 88 4.73 -9.02 -5.03
CA GLY C 88 4.89 -9.91 -3.91
C GLY C 88 4.55 -11.33 -4.28
N SER C 89 5.14 -12.28 -3.55
CA SER C 89 4.97 -13.69 -3.82
C SER C 89 5.08 -14.46 -2.52
N SER C 90 4.38 -15.60 -2.44
CA SER C 90 4.34 -16.42 -1.24
C SER C 90 4.54 -17.88 -1.62
N ASP C 91 5.47 -18.55 -0.93
CA ASP C 91 5.71 -19.99 -1.10
C ASP C 91 5.16 -20.79 0.07
N PHE C 92 4.14 -20.25 0.74
CA PHE C 92 3.46 -20.87 1.88
C PHE C 92 4.32 -20.88 3.14
N ARG C 93 5.64 -20.87 2.99
CA ARG C 93 6.52 -20.78 4.14
C ARG C 93 6.81 -19.33 4.53
N ARG C 94 6.89 -18.45 3.56
CA ARG C 94 7.26 -17.05 3.80
C ARG C 94 6.72 -16.21 2.66
N TRP C 95 6.83 -14.90 2.83
CA TRP C 95 6.50 -13.94 1.79
C TRP C 95 7.79 -13.28 1.31
N ALA C 96 7.78 -12.84 0.06
CA ALA C 96 8.88 -12.09 -0.51
C ALA C 96 8.32 -10.95 -1.33
N PHE C 97 8.78 -9.73 -1.05
CA PHE C 97 8.39 -8.55 -1.80
C PHE C 97 9.57 -8.04 -2.61
N GLY C 98 9.25 -7.34 -3.70
CA GLY C 98 10.28 -6.71 -4.50
C GLY C 98 10.59 -5.31 -4.03
N GLY C 99 11.75 -4.82 -4.45
CA GLY C 99 12.20 -3.50 -4.03
C GLY C 99 11.27 -2.38 -4.41
N GLY C 100 10.45 -2.57 -5.44
CA GLY C 100 9.49 -1.57 -5.87
C GLY C 100 9.88 -0.94 -7.19
N THR C 101 8.88 -0.41 -7.88
CA THR C 101 9.05 0.28 -9.15
C THR C 101 8.34 1.62 -9.08
N LYS C 102 9.05 2.68 -9.41
CA LYS C 102 8.50 4.04 -9.41
C LYS C 102 8.06 4.40 -10.82
N LEU C 103 6.77 4.74 -10.96
CA LEU C 103 6.19 5.10 -12.24
C LEU C 103 6.11 6.62 -12.32
N THR C 104 6.87 7.20 -13.24
CA THR C 104 6.81 8.62 -13.53
C THR C 104 6.10 8.82 -14.86
N VAL C 105 5.15 9.76 -14.90
CA VAL C 105 4.43 10.10 -16.11
C VAL C 105 5.07 11.36 -16.67
N LEU C 106 5.76 11.23 -17.79
CA LEU C 106 6.49 12.35 -18.37
C LEU C 106 5.54 13.40 -18.94
N GLY C 107 6.08 14.59 -19.17
CA GLY C 107 5.34 15.63 -19.86
C GLY C 107 4.26 16.31 -19.06
N GLN C 108 4.33 16.27 -17.73
CA GLN C 108 3.39 17.03 -16.92
C GLN C 108 3.72 18.51 -17.02
N PRO C 109 2.71 19.38 -16.95
CA PRO C 109 2.93 20.81 -17.20
C PRO C 109 3.78 21.46 -16.12
N LYS C 110 4.56 22.46 -16.53
CA LYS C 110 5.29 23.29 -15.58
C LYS C 110 4.31 24.21 -14.85
N ALA C 111 4.63 24.53 -13.60
CA ALA C 111 3.80 25.41 -12.80
C ALA C 111 4.70 26.17 -11.81
N ALA C 112 4.55 27.49 -11.80
CA ALA C 112 5.32 28.31 -10.87
C ALA C 112 4.70 28.27 -9.47
N PRO C 113 5.51 28.28 -8.42
CA PRO C 113 4.98 28.07 -7.08
C PRO C 113 4.23 29.29 -6.55
N SER C 114 3.20 29.01 -5.75
CA SER C 114 2.52 30.02 -4.96
C SER C 114 3.09 29.96 -3.55
N VAL C 115 3.40 31.11 -2.98
CA VAL C 115 4.06 31.20 -1.68
C VAL C 115 3.18 31.98 -0.72
N THR C 116 3.03 31.45 0.50
CA THR C 116 2.33 32.12 1.58
C THR C 116 3.24 32.19 2.79
N LEU C 117 3.43 33.38 3.32
CA LEU C 117 4.30 33.62 4.46
C LEU C 117 3.45 34.06 5.65
N PHE C 118 3.54 33.31 6.75
CA PHE C 118 2.79 33.63 7.96
C PHE C 118 3.73 34.13 9.05
N PRO C 119 3.43 35.26 9.68
CA PRO C 119 4.22 35.71 10.82
C PRO C 119 4.00 34.79 12.01
N PRO C 120 4.80 34.92 13.07
CA PRO C 120 4.48 34.20 14.31
C PRO C 120 3.13 34.66 14.85
N SER C 121 2.33 33.70 15.28
CA SER C 121 1.04 34.03 15.86
C SER C 121 1.22 34.77 17.18
N SER C 122 0.20 35.54 17.55
CA SER C 122 0.24 36.24 18.83
C SER C 122 0.40 35.27 19.99
N GLU C 123 -0.31 34.14 19.96
CA GLU C 123 -0.22 33.16 21.04
C GLU C 123 1.19 32.62 21.17
N GLU C 124 1.83 32.29 20.04
CA GLU C 124 3.20 31.77 20.09
C GLU C 124 4.14 32.81 20.70
N LEU C 125 3.99 34.07 20.31
CA LEU C 125 4.81 35.13 20.89
C LEU C 125 4.59 35.22 22.41
N GLN C 126 3.33 35.12 22.85
CA GLN C 126 3.05 35.14 24.28
C GLN C 126 3.59 33.91 24.99
N ALA C 127 3.93 32.85 24.26
CA ALA C 127 4.61 31.69 24.83
C ALA C 127 6.11 31.81 24.74
N ASN C 128 6.63 33.00 24.38
CA ASN C 128 8.06 33.30 24.33
C ASN C 128 8.79 32.58 23.19
N LYS C 129 8.07 32.18 22.15
CA LYS C 129 8.68 31.60 20.96
C LYS C 129 8.18 32.32 19.73
N ALA C 130 8.82 32.06 18.59
CA ALA C 130 8.45 32.70 17.33
C ALA C 130 8.86 31.80 16.18
N THR C 131 7.91 31.52 15.28
CA THR C 131 8.15 30.66 14.14
C THR C 131 7.54 31.30 12.90
N LEU C 132 8.38 31.56 11.90
CA LEU C 132 7.92 31.99 10.58
C LEU C 132 7.60 30.75 9.75
N VAL C 133 6.50 30.81 9.00
CA VAL C 133 5.99 29.65 8.28
C VAL C 133 5.81 30.03 6.82
N CYS C 134 6.59 29.39 5.95
CA CYS C 134 6.56 29.64 4.51
C CYS C 134 5.98 28.42 3.82
N LEU C 135 4.78 28.57 3.27
CA LEU C 135 4.08 27.47 2.62
C LEU C 135 4.14 27.67 1.11
N ILE C 136 4.67 26.68 0.41
CA ILE C 136 4.89 26.72 -1.03
C ILE C 136 3.99 25.68 -1.68
N SER C 137 3.21 26.10 -2.68
CA SER C 137 2.15 25.25 -3.19
C SER C 137 2.01 25.43 -4.70
N ASP C 138 1.41 24.42 -5.33
CA ASP C 138 0.92 24.52 -6.71
C ASP C 138 2.08 24.72 -7.70
N PHE C 139 3.11 23.90 -7.57
CA PHE C 139 4.26 23.97 -8.47
C PHE C 139 4.64 22.59 -8.97
N TYR C 140 5.26 22.57 -10.15
CA TYR C 140 5.75 21.35 -10.77
C TYR C 140 6.84 21.72 -11.76
N PRO C 141 7.94 20.96 -11.85
CA PRO C 141 8.26 19.72 -11.11
C PRO C 141 8.49 19.96 -9.63
N GLY C 142 8.49 18.90 -8.82
CA GLY C 142 8.64 19.03 -7.37
C GLY C 142 10.07 19.22 -6.91
N ALA C 143 10.64 20.38 -7.19
CA ALA C 143 12.02 20.70 -6.83
C ALA C 143 12.11 22.19 -6.57
N VAL C 144 12.58 22.55 -5.39
CA VAL C 144 12.48 23.91 -4.87
C VAL C 144 13.53 24.08 -3.78
N THR C 145 14.20 25.22 -3.80
CA THR C 145 15.12 25.59 -2.72
C THR C 145 14.69 26.94 -2.14
N VAL C 146 14.83 27.06 -0.82
CA VAL C 146 14.31 28.20 -0.07
C VAL C 146 15.48 28.96 0.55
N ALA C 147 15.36 30.29 0.57
CA ALA C 147 16.30 31.15 1.27
C ALA C 147 15.52 32.16 2.10
N TRP C 148 16.04 32.47 3.29
CA TRP C 148 15.40 33.41 4.18
C TRP C 148 16.24 34.66 4.29
N LYS C 149 15.56 35.78 4.54
CA LYS C 149 16.22 37.08 4.69
C LYS C 149 15.70 37.76 5.94
N ALA C 150 16.61 38.12 6.84
CA ALA C 150 16.31 39.06 7.91
C ALA C 150 16.58 40.46 7.36
N ASP C 151 15.52 41.27 7.29
CA ASP C 151 15.55 42.52 6.53
C ASP C 151 15.98 42.20 5.10
N SER C 152 17.22 42.58 4.74
CA SER C 152 17.79 42.23 3.45
C SER C 152 18.94 41.24 3.54
N SER C 153 19.41 40.93 4.76
CA SER C 153 20.54 40.04 4.99
C SER C 153 20.07 38.59 5.09
N PRO C 154 20.78 37.67 4.45
CA PRO C 154 20.39 36.26 4.54
C PRO C 154 20.64 35.71 5.93
N VAL C 155 19.74 34.82 6.37
CA VAL C 155 19.86 34.14 7.66
C VAL C 155 19.82 32.65 7.41
N LYS C 156 20.92 31.96 7.72
CA LYS C 156 21.03 30.54 7.44
C LYS C 156 20.67 29.66 8.63
N ALA C 157 20.84 30.15 9.85
CA ALA C 157 20.59 29.34 11.05
C ALA C 157 19.13 29.44 11.47
N GLY C 158 18.58 28.33 11.93
CA GLY C 158 17.21 28.27 12.38
C GLY C 158 16.19 27.92 11.31
N VAL C 159 16.62 27.56 10.11
CA VAL C 159 15.70 27.24 9.02
C VAL C 159 15.54 25.73 8.94
N GLU C 160 14.32 25.30 8.62
CA GLU C 160 14.03 23.91 8.33
C GLU C 160 13.12 23.86 7.12
N THR C 161 13.44 22.99 6.16
CA THR C 161 12.72 22.92 4.90
C THR C 161 12.21 21.50 4.67
N THR C 162 11.04 21.42 4.03
CA THR C 162 10.40 20.15 3.70
C THR C 162 10.62 19.79 2.25
N THR C 163 10.88 18.50 2.00
CA THR C 163 11.00 18.01 0.64
C THR C 163 9.63 18.02 -0.04
N PRO C 164 9.53 18.51 -1.28
CA PRO C 164 8.22 18.63 -1.91
C PRO C 164 7.49 17.29 -2.00
N SER C 165 6.17 17.35 -1.82
CA SER C 165 5.32 16.17 -1.90
C SER C 165 4.04 16.53 -2.66
N LYS C 166 3.41 15.50 -3.22
CA LYS C 166 2.24 15.72 -4.06
C LYS C 166 1.03 16.17 -3.24
N GLN C 167 0.36 17.21 -3.70
CA GLN C 167 -0.93 17.60 -3.17
C GLN C 167 -2.02 16.90 -4.00
N SER C 168 -3.27 17.20 -3.67
CA SER C 168 -4.40 16.58 -4.38
C SER C 168 -4.42 16.97 -5.85
N ASN C 169 -3.79 18.10 -6.21
CA ASN C 169 -3.69 18.54 -7.60
C ASN C 169 -2.88 17.60 -8.47
N ASN C 170 -2.13 16.67 -7.87
CA ASN C 170 -0.97 16.02 -8.48
C ASN C 170 0.12 17.01 -8.81
N LYS C 171 -0.01 18.25 -8.32
CA LYS C 171 1.07 19.22 -8.25
C LYS C 171 1.82 19.03 -6.93
N TYR C 172 2.83 19.86 -6.68
CA TYR C 172 3.67 19.71 -5.50
C TYR C 172 3.50 20.89 -4.56
N ALA C 173 3.59 20.59 -3.26
CA ALA C 173 3.68 21.59 -2.22
C ALA C 173 4.96 21.39 -1.42
N ALA C 174 5.36 22.42 -0.68
CA ALA C 174 6.53 22.36 0.19
C ALA C 174 6.36 23.40 1.28
N SER C 175 7.21 23.30 2.30
CA SER C 175 7.13 24.21 3.44
C SER C 175 8.51 24.43 4.05
N SER C 176 8.68 25.60 4.66
CA SER C 176 9.93 25.95 5.33
C SER C 176 9.61 26.80 6.56
N TYR C 177 10.45 26.68 7.58
CA TYR C 177 10.24 27.37 8.85
C TYR C 177 11.49 28.10 9.29
N LEU C 178 11.30 29.28 9.88
CA LEU C 178 12.39 30.03 10.51
C LEU C 178 12.04 30.26 11.97
N SER C 179 12.72 29.55 12.87
CA SER C 179 12.55 29.78 14.30
C SER C 179 13.38 30.97 14.76
N LEU C 180 12.75 31.90 15.46
CA LEU C 180 13.42 33.05 16.04
C LEU C 180 12.95 33.24 17.48
N THR C 181 13.69 34.05 18.21
CA THR C 181 13.19 34.53 19.49
C THR C 181 12.20 35.67 19.26
N PRO C 182 11.25 35.87 20.16
CA PRO C 182 10.37 37.04 20.06
C PRO C 182 11.14 38.35 19.94
N GLU C 183 12.25 38.49 20.67
CA GLU C 183 13.07 39.69 20.56
C GLU C 183 13.60 39.86 19.14
N GLN C 184 14.02 38.75 18.51
CA GLN C 184 14.51 38.83 17.14
C GLN C 184 13.40 39.21 16.17
N TRP C 185 12.20 38.67 16.39
CA TRP C 185 11.07 38.97 15.51
C TRP C 185 10.75 40.46 15.51
N LYS C 186 10.76 41.09 16.69
CA LYS C 186 10.42 42.49 16.78
C LYS C 186 11.57 43.42 16.41
N SER C 187 12.81 42.92 16.42
CA SER C 187 13.97 43.79 16.23
C SER C 187 14.22 44.16 14.77
N HIS C 188 13.74 43.36 13.83
CA HIS C 188 13.94 43.64 12.42
C HIS C 188 12.68 44.29 11.82
N ARG C 189 12.84 44.84 10.62
CA ARG C 189 11.77 45.55 9.97
C ARG C 189 10.98 44.66 9.02
N SER C 190 11.61 43.62 8.48
CA SER C 190 10.92 42.70 7.57
C SER C 190 11.69 41.39 7.53
N TYR C 191 10.96 40.33 7.20
CA TYR C 191 11.53 39.02 6.94
C TYR C 191 11.02 38.53 5.60
N SER C 192 11.86 37.78 4.88
CA SER C 192 11.50 37.30 3.55
C SER C 192 11.80 35.81 3.42
N CYS C 193 10.91 35.12 2.71
CA CYS C 193 11.10 33.73 2.31
C CYS C 193 11.25 33.70 0.79
N GLN C 194 12.42 33.27 0.32
CA GLN C 194 12.75 33.32 -1.11
C GLN C 194 12.74 31.91 -1.68
N VAL C 195 11.69 31.60 -2.42
CA VAL C 195 11.51 30.31 -3.07
C VAL C 195 11.92 30.43 -4.52
N THR C 196 12.93 29.68 -4.93
CA THR C 196 13.36 29.65 -6.33
C THR C 196 12.99 28.31 -6.94
N HIS C 197 12.38 28.36 -8.12
CA HIS C 197 11.89 27.17 -8.82
C HIS C 197 12.21 27.31 -10.30
N GLU C 198 13.03 26.40 -10.81
CA GLU C 198 13.40 26.36 -12.22
C GLU C 198 14.06 27.66 -12.66
N GLY C 199 14.98 28.16 -11.83
CA GLY C 199 15.74 29.35 -12.13
C GLY C 199 15.10 30.66 -11.71
N SER C 200 13.80 30.66 -11.43
CA SER C 200 13.07 31.87 -11.07
C SER C 200 12.67 31.83 -9.61
N THR C 201 12.56 33.01 -9.02
CA THR C 201 12.34 33.18 -7.58
C THR C 201 11.01 33.86 -7.34
N VAL C 202 10.22 33.30 -6.42
CA VAL C 202 9.06 33.96 -5.84
C VAL C 202 9.39 34.24 -4.38
N GLU C 203 9.10 35.45 -3.93
CA GLU C 203 9.51 35.89 -2.60
C GLU C 203 8.38 36.64 -1.92
N LYS C 204 8.10 36.27 -0.67
CA LYS C 204 7.10 36.93 0.15
C LYS C 204 7.78 37.63 1.32
N THR C 205 7.13 38.68 1.83
CA THR C 205 7.72 39.50 2.86
C THR C 205 6.66 39.90 3.88
N VAL C 206 6.99 39.72 5.17
CA VAL C 206 6.11 40.12 6.25
C VAL C 206 6.88 41.06 7.17
N ALA C 207 6.17 42.02 7.73
CA ALA C 207 6.76 43.02 8.60
C ALA C 207 6.11 42.98 9.97
N PRO C 208 6.90 43.01 11.05
CA PRO C 208 6.29 43.00 12.39
C PRO C 208 5.35 44.16 12.63
N THR C 209 5.67 45.35 12.12
CA THR C 209 4.82 46.51 12.35
C THR C 209 3.46 46.34 11.68
N GLU C 210 3.43 45.72 10.51
CA GLU C 210 2.18 45.51 9.75
C GLU C 210 1.11 44.79 10.57
#